data_5H3A
#
_entry.id   5H3A
#
_cell.length_a   63.410
_cell.length_b   79.539
_cell.length_c   67.283
_cell.angle_alpha   90.000
_cell.angle_beta   116.240
_cell.angle_gamma   90.000
#
_symmetry.space_group_name_H-M   'P 1 21 1'
#
loop_
_entity.id
_entity.type
_entity.pdbx_description
1 polymer ORF70
2 non-polymer TOMUDEX
3 non-polymer "2'-DEOXYURIDINE 5'-MONOPHOSPHATE"
4 water water
#
_entity_poly.entity_id   1
_entity_poly.type   'polypeptide(L)'
_entity_poly.pdbx_seq_one_letter_code
;PHEELQYLRQLREILCRGSDRLDRTGIGTLSLFGMQARYSLRDHFPLLTTKRVFWRGVVQELLWFLKGSTDSRELSRTGV
KIWDKNGSREFLAGRGLAHRREGDLGPVYGFQWRHFGAAYVDADADYTGQGFDQLSYIVDLIKNNPHDRRIIMCAWNPAD
LSLMALPPCHLLCQFYVADGELSCQLYQRSGDMGLGVPFNIASYSLLTYMLAHVTGLRPGEFIHTLGDAHIYKTHIEPLR
LQLTRTPRPFPRLEILRSVSSMEEFTPDDFRLVDYCPHPTIRM
;
_entity_poly.pdbx_strand_id   A,B
#
loop_
_chem_comp.id
_chem_comp.type
_chem_comp.name
_chem_comp.formula
D16 non-polymer TOMUDEX 'C21 H22 N4 O6 S'
UMP non-polymer '2'-DEOXYURIDINE 5'-MONOPHOSPHATE' 'C9 H13 N2 O8 P'
#
# COMPACT_ATOMS: atom_id res chain seq x y z
N PRO A 1 4.36 -24.87 11.57
CA PRO A 1 5.70 -24.36 11.23
C PRO A 1 5.89 -22.96 11.80
N HIS A 2 7.05 -22.73 12.41
CA HIS A 2 7.37 -21.47 13.10
C HIS A 2 7.43 -20.28 12.13
N GLU A 3 6.69 -19.22 12.45
CA GLU A 3 6.47 -18.08 11.58
C GLU A 3 7.74 -17.30 11.18
N GLU A 4 8.76 -17.33 12.03
CA GLU A 4 10.00 -16.62 11.75
C GLU A 4 10.72 -17.22 10.53
N LEU A 5 10.36 -18.44 10.19
CA LEU A 5 10.97 -19.11 9.05
C LEU A 5 10.48 -18.50 7.73
N GLN A 6 9.42 -17.69 7.78
CA GLN A 6 9.02 -16.89 6.62
C GLN A 6 10.08 -15.83 6.34
N TYR A 7 10.52 -15.16 7.41
CA TYR A 7 11.51 -14.09 7.33
C TYR A 7 12.86 -14.61 6.86
N LEU A 8 13.25 -15.76 7.41
CA LEU A 8 14.55 -16.37 7.12
C LEU A 8 14.61 -16.90 5.69
N ARG A 9 13.52 -17.52 5.25
CA ARG A 9 13.37 -17.88 3.84
C ARG A 9 13.58 -16.65 2.96
N GLN A 10 12.96 -15.54 3.34
CA GLN A 10 13.07 -14.30 2.57
C GLN A 10 14.52 -13.81 2.50
N LEU A 11 15.22 -13.88 3.62
CA LEU A 11 16.65 -13.58 3.67
C LEU A 11 17.39 -14.39 2.64
N ARG A 12 17.19 -15.71 2.69
CA ARG A 12 17.90 -16.63 1.82
C ARG A 12 17.57 -16.38 0.35
N GLU A 13 16.29 -16.21 0.02
CA GLU A 13 15.90 -15.88 -1.33
C GLU A 13 16.67 -14.67 -1.83
N ILE A 14 16.67 -13.61 -1.03
CA ILE A 14 17.37 -12.38 -1.41
C ILE A 14 18.86 -12.65 -1.57
N LEU A 15 19.45 -13.41 -0.66
CA LEU A 15 20.89 -13.71 -0.76
C LEU A 15 21.24 -14.58 -1.97
N CYS A 16 20.31 -15.43 -2.37
CA CYS A 16 20.54 -16.40 -3.44
C CYS A 16 20.27 -15.79 -4.81
N ARG A 17 19.10 -15.19 -5.01
CA ARG A 17 18.74 -14.71 -6.35
C ARG A 17 18.39 -13.22 -6.40
N GLY A 18 18.71 -12.49 -5.34
CA GLY A 18 18.47 -11.06 -5.30
C GLY A 18 19.25 -10.36 -6.39
N SER A 19 18.78 -9.18 -6.76
CA SER A 19 19.44 -8.39 -7.79
C SER A 19 20.53 -7.48 -7.19
N ASP A 20 21.71 -7.50 -7.80
CA ASP A 20 22.86 -6.75 -7.30
C ASP A 20 22.88 -5.32 -7.84
N ARG A 21 22.40 -4.37 -7.07
CA ARG A 21 22.24 -3.04 -7.61
C ARG A 21 23.00 -1.97 -6.82
N LEU A 22 23.22 -0.85 -7.48
CA LEU A 22 23.76 0.33 -6.82
C LEU A 22 22.77 1.46 -6.93
N ASP A 23 22.71 2.28 -5.89
CA ASP A 23 21.94 3.53 -5.88
C ASP A 23 22.73 4.60 -6.64
N ARG A 24 22.23 5.84 -6.67
CA ARG A 24 22.98 6.92 -7.32
C ARG A 24 23.90 7.62 -6.30
N THR A 25 24.44 6.83 -5.38
CA THR A 25 25.45 7.27 -4.40
C THR A 25 26.46 6.15 -4.25
N GLY A 26 26.16 5.05 -4.94
CA GLY A 26 27.12 4.00 -5.23
C GLY A 26 27.08 2.79 -4.31
N ILE A 27 26.23 2.84 -3.30
CA ILE A 27 26.17 1.77 -2.30
C ILE A 27 25.45 0.55 -2.90
N GLY A 28 25.93 -0.65 -2.53
CA GLY A 28 25.39 -1.89 -3.04
C GLY A 28 24.39 -2.59 -2.15
N THR A 29 23.28 -3.02 -2.74
CA THR A 29 22.31 -3.89 -2.08
C THR A 29 22.00 -5.08 -2.96
N LEU A 30 21.60 -6.18 -2.34
CA LEU A 30 20.85 -7.21 -3.04
C LEU A 30 19.37 -7.01 -2.71
N SER A 31 18.51 -7.07 -3.72
CA SER A 31 17.09 -6.90 -3.45
C SER A 31 16.19 -7.71 -4.35
N LEU A 32 15.00 -7.95 -3.83
CA LEU A 32 13.89 -8.55 -4.56
C LEU A 32 12.67 -7.66 -4.33
N PHE A 33 11.70 -7.78 -5.22
CA PHE A 33 10.55 -6.89 -5.22
C PHE A 33 9.27 -7.70 -5.06
N GLY A 34 8.51 -7.39 -4.01
CA GLY A 34 7.25 -8.07 -3.78
C GLY A 34 7.32 -9.25 -2.84
N MET A 35 6.94 -9.04 -1.59
CA MET A 35 6.98 -10.10 -0.58
C MET A 35 5.87 -9.98 0.45
N GLN A 36 5.42 -11.11 0.95
CA GLN A 36 4.34 -11.11 1.92
C GLN A 36 4.52 -12.25 2.91
N ALA A 37 4.39 -11.92 4.19
CA ALA A 37 4.48 -12.90 5.27
C ALA A 37 3.33 -12.66 6.22
N ARG A 38 2.83 -13.71 6.84
CA ARG A 38 1.72 -13.59 7.77
C ARG A 38 2.21 -13.94 9.17
N TYR A 39 1.81 -13.16 10.16
CA TYR A 39 2.20 -13.45 11.53
C TYR A 39 0.96 -13.47 12.40
N SER A 40 0.75 -14.59 13.08
CA SER A 40 -0.34 -14.68 14.02
C SER A 40 -0.05 -13.84 15.25
N LEU A 41 -1.10 -13.20 15.78
CA LEU A 41 -1.01 -12.38 16.99
C LEU A 41 -1.81 -12.99 18.16
N ARG A 42 -2.51 -14.09 17.90
CA ARG A 42 -3.47 -14.63 18.87
C ARG A 42 -2.83 -15.18 20.14
N ASP A 43 -1.97 -16.17 19.95
CA ASP A 43 -1.35 -16.87 21.07
C ASP A 43 0.03 -16.31 21.44
N HIS A 44 0.61 -15.50 20.57
CA HIS A 44 1.93 -14.93 20.82
C HIS A 44 2.20 -13.59 20.11
N PHE A 45 3.36 -13.01 20.39
CA PHE A 45 3.78 -11.74 19.78
C PHE A 45 5.04 -11.94 18.94
N PRO A 46 4.98 -11.54 17.65
CA PRO A 46 6.06 -11.85 16.68
C PRO A 46 7.32 -10.96 16.78
N LEU A 47 7.92 -10.92 17.97
CA LEU A 47 9.23 -10.34 18.14
C LEU A 47 10.28 -11.39 17.77
N LEU A 48 11.09 -11.11 16.75
CA LEU A 48 11.96 -12.11 16.14
C LEU A 48 13.07 -12.57 17.10
N THR A 49 13.45 -13.85 17.00
CA THR A 49 14.32 -14.48 18.01
C THR A 49 15.74 -14.84 17.54
N THR A 50 15.97 -14.86 16.22
CA THR A 50 17.31 -15.18 15.71
C THR A 50 18.29 -14.00 15.85
N LYS A 51 17.76 -12.80 16.06
CA LYS A 51 18.58 -11.65 16.49
C LYS A 51 17.74 -10.80 17.45
N ARG A 52 18.35 -10.22 18.48
CA ARG A 52 17.57 -9.44 19.44
C ARG A 52 17.05 -8.18 18.75
N VAL A 53 15.78 -7.86 19.02
CA VAL A 53 15.16 -6.68 18.43
C VAL A 53 15.03 -5.61 19.50
N PHE A 54 15.32 -4.36 19.14
CA PHE A 54 15.27 -3.23 20.06
C PHE A 54 13.84 -2.89 20.54
N TRP A 55 13.27 -3.82 21.32
CA TRP A 55 11.89 -3.69 21.83
C TRP A 55 11.60 -2.37 22.59
N ARG A 56 12.55 -1.89 23.39
CA ARG A 56 12.34 -0.62 24.08
C ARG A 56 12.09 0.48 23.04
N GLY A 57 12.90 0.47 21.98
CA GLY A 57 12.73 1.40 20.87
C GLY A 57 11.36 1.27 20.22
N VAL A 58 10.94 0.04 19.97
CA VAL A 58 9.65 -0.21 19.32
C VAL A 58 8.52 0.47 20.09
N VAL A 59 8.48 0.24 21.40
CA VAL A 59 7.44 0.82 22.25
C VAL A 59 7.49 2.34 22.31
N GLN A 60 8.65 2.90 22.67
CA GLN A 60 8.75 4.35 22.77
C GLN A 60 8.48 5.03 21.42
N GLU A 61 9.00 4.45 20.34
CA GLU A 61 8.85 5.12 19.05
C GLU A 61 7.37 5.20 18.66
N LEU A 62 6.61 4.12 18.92
CA LEU A 62 5.23 4.06 18.48
C LEU A 62 4.35 5.02 19.28
N LEU A 63 4.60 5.10 20.58
CA LEU A 63 3.87 6.02 21.46
C LEU A 63 4.12 7.44 21.00
N TRP A 64 5.38 7.69 20.66
CA TRP A 64 5.79 8.96 20.08
C TRP A 64 5.00 9.27 18.79
N PHE A 65 4.90 8.30 17.87
CA PHE A 65 4.12 8.47 16.64
C PHE A 65 2.70 8.83 16.95
N LEU A 66 2.08 8.03 17.83
CA LEU A 66 0.66 8.18 18.09
C LEU A 66 0.28 9.57 18.67
N LYS A 67 1.22 10.23 19.36
CA LYS A 67 1.04 11.62 19.85
C LYS A 67 1.12 12.69 18.76
N GLY A 68 1.53 12.32 17.55
CA GLY A 68 1.65 13.29 16.46
C GLY A 68 2.94 14.09 16.53
N SER A 69 3.84 13.68 17.40
CA SER A 69 5.11 14.38 17.55
C SER A 69 5.94 14.25 16.28
N THR A 70 6.58 15.35 15.88
CA THR A 70 7.60 15.31 14.84
C THR A 70 8.88 15.89 15.40
N ASP A 71 9.06 15.68 16.71
CA ASP A 71 10.19 16.23 17.43
C ASP A 71 11.08 15.12 17.94
N SER A 72 12.25 14.97 17.33
CA SER A 72 13.13 13.88 17.71
C SER A 72 13.63 14.05 19.13
N ARG A 73 13.70 15.31 19.59
CA ARG A 73 14.19 15.59 20.94
C ARG A 73 13.32 14.90 21.98
N GLU A 74 12.02 14.76 21.66
CA GLU A 74 11.08 14.14 22.57
C GLU A 74 11.30 12.65 22.71
N LEU A 75 11.50 11.97 21.58
CA LEU A 75 11.82 10.56 21.62
C LEU A 75 13.17 10.36 22.33
N SER A 76 14.16 11.16 21.96
CA SER A 76 15.50 11.07 22.56
C SER A 76 15.49 11.15 24.12
N ARG A 77 14.62 12.00 24.67
CA ARG A 77 14.50 12.12 26.13
C ARG A 77 14.24 10.78 26.81
N THR A 78 13.46 9.92 26.16
CA THR A 78 13.15 8.61 26.70
C THR A 78 14.35 7.68 26.76
N GLY A 79 15.45 8.06 26.14
CA GLY A 79 16.60 7.18 26.05
C GLY A 79 16.63 6.40 24.73
N VAL A 80 15.64 6.64 23.88
CA VAL A 80 15.59 6.03 22.55
C VAL A 80 16.07 7.02 21.50
N LYS A 81 17.21 6.71 20.89
CA LYS A 81 17.94 7.65 20.06
C LYS A 81 17.84 7.40 18.56
N ILE A 82 16.93 6.52 18.12
CA ILE A 82 17.00 6.01 16.75
C ILE A 82 16.74 7.09 15.69
N TRP A 83 16.06 8.16 16.07
CA TRP A 83 15.77 9.28 15.17
C TRP A 83 16.66 10.50 15.41
N ASP A 84 17.67 10.37 16.26
CA ASP A 84 18.46 11.54 16.61
C ASP A 84 19.31 12.00 15.43
N LYS A 85 19.90 11.05 14.70
CA LYS A 85 20.73 11.39 13.55
C LYS A 85 19.95 12.24 12.53
N ASN A 86 18.70 11.88 12.31
CA ASN A 86 17.83 12.58 11.34
C ASN A 86 17.34 13.91 11.86
N GLY A 87 17.52 14.14 13.16
CA GLY A 87 17.06 15.35 13.78
C GLY A 87 18.18 16.36 13.97
N SER A 88 19.42 15.94 13.72
CA SER A 88 20.56 16.80 13.96
C SER A 88 20.48 18.04 13.06
N ARG A 89 21.06 19.15 13.55
CA ARG A 89 21.09 20.39 12.79
C ARG A 89 21.82 20.16 11.46
N GLU A 90 22.88 19.37 11.51
CA GLU A 90 23.66 19.12 10.32
C GLU A 90 22.96 18.21 9.29
N PHE A 91 22.22 17.20 9.78
CA PHE A 91 21.44 16.36 8.88
C PHE A 91 20.43 17.20 8.09
N LEU A 92 19.67 18.02 8.81
CA LEU A 92 18.65 18.86 8.19
C LEU A 92 19.28 19.81 7.19
N ALA A 93 20.42 20.40 7.57
CA ALA A 93 21.14 21.26 6.65
C ALA A 93 21.54 20.46 5.42
N GLY A 94 22.06 19.25 5.62
CA GLY A 94 22.38 18.34 4.54
C GLY A 94 21.18 18.04 3.62
N ARG A 95 19.97 18.11 4.19
CA ARG A 95 18.74 17.90 3.44
C ARG A 95 18.29 19.14 2.65
N GLY A 96 18.84 20.29 2.98
CA GLY A 96 18.34 21.55 2.42
C GLY A 96 17.18 22.11 3.21
N LEU A 97 17.20 21.90 4.51
CA LEU A 97 16.12 22.39 5.35
C LEU A 97 16.63 23.42 6.36
N ALA A 98 16.83 24.65 5.90
CA ALA A 98 17.25 25.74 6.78
C ALA A 98 16.05 26.22 7.60
N HIS A 99 16.30 27.19 8.47
CA HIS A 99 15.28 27.70 9.38
C HIS A 99 14.71 26.55 10.22
N ARG A 100 15.55 25.56 10.52
CA ARG A 100 15.10 24.37 11.26
C ARG A 100 15.74 24.28 12.65
N ARG A 101 14.90 24.33 13.67
CA ARG A 101 15.39 24.08 15.01
C ARG A 101 15.78 22.60 15.10
N GLU A 102 16.83 22.30 15.86
CA GLU A 102 17.23 20.92 16.11
C GLU A 102 16.08 20.02 16.62
N GLY A 103 15.81 18.93 15.91
CA GLY A 103 14.78 17.99 16.31
C GLY A 103 13.52 18.10 15.46
N ASP A 104 13.50 19.11 14.59
CA ASP A 104 12.34 19.31 13.73
C ASP A 104 12.50 18.47 12.46
N LEU A 105 11.83 17.31 12.46
CA LEU A 105 11.93 16.32 11.40
C LEU A 105 11.01 16.59 10.21
N GLY A 106 10.12 17.57 10.34
CA GLY A 106 9.18 17.89 9.29
C GLY A 106 7.90 17.10 9.49
N PRO A 107 7.00 17.11 8.48
CA PRO A 107 5.70 16.43 8.51
C PRO A 107 5.79 14.91 8.37
N VAL A 108 6.48 14.23 9.28
CA VAL A 108 6.68 12.80 9.17
C VAL A 108 5.52 12.05 9.85
N TYR A 109 5.73 10.78 10.19
CA TYR A 109 4.64 9.88 10.59
C TYR A 109 3.61 10.50 11.52
N GLY A 110 4.07 11.09 12.62
CA GLY A 110 3.18 11.64 13.64
C GLY A 110 2.24 12.70 13.10
N PHE A 111 2.81 13.66 12.38
CA PHE A 111 2.03 14.71 11.73
C PHE A 111 1.04 14.12 10.71
N GLN A 112 1.50 13.16 9.92
CA GLN A 112 0.63 12.54 8.91
C GLN A 112 -0.51 11.75 9.55
N TRP A 113 -0.23 11.10 10.67
CA TRP A 113 -1.24 10.26 11.31
C TRP A 113 -2.35 11.10 11.91
N ARG A 114 -1.98 12.29 12.37
CA ARG A 114 -2.88 13.10 13.17
C ARG A 114 -3.42 14.30 12.40
N HIS A 115 -2.61 14.84 11.50
CA HIS A 115 -2.97 16.08 10.80
C HIS A 115 -2.72 16.03 9.29
N PHE A 116 -3.06 14.89 8.68
CA PHE A 116 -2.87 14.70 7.25
C PHE A 116 -3.51 15.81 6.44
N GLY A 117 -2.75 16.43 5.55
CA GLY A 117 -3.28 17.49 4.72
C GLY A 117 -3.08 18.89 5.28
N ALA A 118 -2.68 18.99 6.54
CA ALA A 118 -2.47 20.28 7.17
C ALA A 118 -1.18 20.94 6.69
N ALA A 119 -1.15 22.26 6.77
CA ALA A 119 0.05 23.01 6.41
C ALA A 119 1.07 22.92 7.55
N TYR A 120 2.17 22.23 7.27
CA TYR A 120 3.22 22.09 8.27
C TYR A 120 3.93 23.43 8.39
N VAL A 121 4.17 23.88 9.63
CA VAL A 121 5.05 25.02 9.85
C VAL A 121 6.24 24.54 10.70
N ASP A 122 6.04 24.01 11.91
CA ASP A 122 7.15 23.36 12.61
C ASP A 122 6.76 22.43 13.75
N ALA A 123 7.78 21.81 14.35
CA ALA A 123 7.62 20.75 15.33
C ALA A 123 6.97 21.22 16.62
N ASP A 124 7.23 22.47 16.98
CA ASP A 124 6.67 23.05 18.19
C ASP A 124 5.28 23.64 17.96
N ALA A 125 4.95 23.93 16.71
CA ALA A 125 3.67 24.58 16.40
C ALA A 125 2.48 23.75 16.86
N ASP A 126 1.30 24.35 16.87
CA ASP A 126 0.13 23.66 17.34
C ASP A 126 -0.90 23.49 16.22
N TYR A 127 -1.22 22.23 15.92
CA TYR A 127 -2.00 21.89 14.74
C TYR A 127 -3.41 21.40 15.07
N THR A 128 -3.83 21.58 16.31
CA THR A 128 -5.17 21.14 16.75
C THR A 128 -6.31 21.51 15.80
N GLY A 129 -7.00 20.50 15.27
CA GLY A 129 -8.08 20.73 14.32
C GLY A 129 -7.59 20.98 12.90
N GLN A 130 -6.27 20.98 12.71
CA GLN A 130 -5.70 21.09 11.35
C GLN A 130 -5.52 19.69 10.71
N GLY A 131 -6.01 19.55 9.48
CA GLY A 131 -5.85 18.30 8.76
C GLY A 131 -6.81 17.19 9.15
N PHE A 132 -6.47 15.98 8.73
CA PHE A 132 -7.35 14.81 8.89
C PHE A 132 -6.73 13.87 9.90
N ASP A 133 -7.42 13.64 11.01
CA ASP A 133 -6.89 12.78 12.06
C ASP A 133 -7.23 11.34 11.73
N GLN A 134 -6.27 10.65 11.11
CA GLN A 134 -6.47 9.27 10.67
C GLN A 134 -6.59 8.27 11.84
N LEU A 135 -5.85 8.50 12.92
CA LEU A 135 -5.95 7.64 14.10
C LEU A 135 -7.37 7.63 14.65
N SER A 136 -7.98 8.79 14.82
CA SER A 136 -9.36 8.84 15.34
C SER A 136 -10.29 8.19 14.32
N TYR A 137 -10.01 8.43 13.05
CA TYR A 137 -10.79 7.88 11.95
C TYR A 137 -10.85 6.35 12.03
N ILE A 138 -9.71 5.68 12.22
CA ILE A 138 -9.72 4.21 12.23
C ILE A 138 -10.28 3.63 13.54
N VAL A 139 -10.01 4.29 14.67
CA VAL A 139 -10.53 3.83 15.96
C VAL A 139 -12.04 3.88 15.91
N ASP A 140 -12.56 4.98 15.38
CA ASP A 140 -13.99 5.13 15.16
C ASP A 140 -14.56 4.00 14.29
N LEU A 141 -13.90 3.70 13.16
CA LEU A 141 -14.39 2.67 12.22
C LEU A 141 -14.37 1.29 12.85
N ILE A 142 -13.26 0.94 13.49
CA ILE A 142 -13.13 -0.35 14.13
C ILE A 142 -14.19 -0.56 15.22
N LYS A 143 -14.61 0.54 15.85
CA LYS A 143 -15.65 0.49 16.88
C LYS A 143 -17.08 0.42 16.30
N ASN A 144 -17.37 1.24 15.30
CA ASN A 144 -18.76 1.46 14.93
C ASN A 144 -19.16 0.96 13.54
N ASN A 145 -18.18 0.52 12.78
CA ASN A 145 -18.45 -0.06 11.48
C ASN A 145 -17.33 -1.00 11.12
N PRO A 146 -17.12 -2.04 11.97
CA PRO A 146 -15.91 -2.86 11.86
C PRO A 146 -15.70 -3.51 10.49
N HIS A 147 -16.75 -3.70 9.70
CA HIS A 147 -16.62 -4.37 8.41
C HIS A 147 -16.37 -3.40 7.26
N ASP A 148 -16.09 -2.14 7.60
CA ASP A 148 -15.74 -1.13 6.60
C ASP A 148 -14.48 -1.58 5.88
N ARG A 149 -14.41 -1.32 4.59
CA ARG A 149 -13.23 -1.73 3.83
C ARG A 149 -12.24 -0.59 3.61
N ARG A 150 -12.43 0.53 4.32
CA ARG A 150 -11.54 1.68 4.17
C ARG A 150 -10.87 2.03 5.49
N ILE A 151 -10.64 1.04 6.34
CA ILE A 151 -10.03 1.32 7.63
C ILE A 151 -8.53 1.39 7.40
N ILE A 152 -8.10 2.58 7.00
CA ILE A 152 -6.77 2.88 6.49
C ILE A 152 -6.11 4.03 7.24
N MET A 153 -4.83 3.90 7.53
CA MET A 153 -3.97 5.01 7.96
C MET A 153 -2.80 5.09 6.97
N CYS A 154 -2.54 6.27 6.40
CA CYS A 154 -1.48 6.41 5.39
C CYS A 154 -0.44 7.48 5.71
N ALA A 155 0.83 7.18 5.50
CA ALA A 155 1.90 8.14 5.85
C ALA A 155 2.54 8.76 4.61
N TRP A 156 2.24 8.18 3.45
CA TRP A 156 2.73 8.71 2.18
C TRP A 156 1.92 9.90 1.72
N ASN A 157 2.57 11.05 1.77
CA ASN A 157 1.99 12.31 1.35
C ASN A 157 3.04 12.97 0.47
N PRO A 158 2.87 12.84 -0.86
CA PRO A 158 3.82 13.29 -1.89
C PRO A 158 4.18 14.77 -1.76
N ALA A 159 3.17 15.59 -1.48
CA ALA A 159 3.34 17.04 -1.39
C ALA A 159 4.25 17.46 -0.23
N ASP A 160 4.30 16.65 0.83
CA ASP A 160 5.14 16.95 1.99
C ASP A 160 6.54 16.33 1.96
N LEU A 161 6.90 15.64 0.88
CA LEU A 161 8.14 14.87 0.89
C LEU A 161 9.39 15.72 1.03
N SER A 162 9.38 16.90 0.42
CA SER A 162 10.56 17.77 0.45
C SER A 162 10.71 18.43 1.82
N LEU A 163 9.65 18.35 2.63
CA LEU A 163 9.70 18.91 3.97
C LEU A 163 10.11 17.89 5.03
N MET A 164 10.25 16.63 4.64
CA MET A 164 10.57 15.58 5.61
C MET A 164 12.06 15.29 5.74
N ALA A 165 12.49 14.97 6.95
CA ALA A 165 13.87 14.54 7.15
C ALA A 165 14.16 13.26 6.36
N LEU A 166 13.23 12.31 6.46
CA LEU A 166 13.28 11.04 5.74
C LEU A 166 11.90 10.78 5.19
N PRO A 167 11.83 10.23 3.96
CA PRO A 167 10.50 9.87 3.45
C PRO A 167 10.04 8.57 4.11
N PRO A 168 8.73 8.45 4.40
CA PRO A 168 8.24 7.26 5.12
C PRO A 168 8.51 5.95 4.37
N CYS A 169 8.99 4.93 5.11
CA CYS A 169 9.07 3.56 4.64
C CYS A 169 7.75 2.82 4.71
N HIS A 170 7.04 2.96 5.84
CA HIS A 170 5.76 2.28 6.02
C HIS A 170 4.64 3.13 5.42
N LEU A 171 4.30 2.87 4.16
CA LEU A 171 3.40 3.75 3.44
C LEU A 171 2.03 3.77 4.11
N LEU A 172 1.52 2.61 4.43
CA LEU A 172 0.19 2.57 5.02
C LEU A 172 -0.11 1.26 5.68
N CYS A 173 -1.07 1.29 6.59
CA CYS A 173 -1.57 0.05 7.15
C CYS A 173 -3.10 0.02 6.99
N GLN A 174 -3.64 -1.16 6.81
CA GLN A 174 -5.09 -1.34 6.72
C GLN A 174 -5.53 -2.29 7.82
N PHE A 175 -6.73 -2.10 8.36
CA PHE A 175 -7.22 -3.01 9.37
C PHE A 175 -8.50 -3.68 8.92
N TYR A 176 -8.85 -4.74 9.62
CA TYR A 176 -9.85 -5.68 9.19
C TYR A 176 -10.38 -6.42 10.43
N VAL A 177 -11.70 -6.56 10.52
CA VAL A 177 -12.34 -7.26 11.64
C VAL A 177 -13.22 -8.40 11.18
N ALA A 178 -13.01 -9.56 11.78
CA ALA A 178 -13.82 -10.72 11.52
C ALA A 178 -13.81 -11.60 12.76
N ASP A 179 -14.94 -12.26 13.05
CA ASP A 179 -15.04 -13.23 14.12
C ASP A 179 -14.36 -12.72 15.40
N GLY A 180 -14.66 -11.47 15.75
CA GLY A 180 -14.15 -10.89 16.98
C GLY A 180 -12.68 -10.50 17.03
N GLU A 181 -12.00 -10.50 15.89
CA GLU A 181 -10.56 -10.22 15.88
C GLU A 181 -10.14 -9.03 15.00
N LEU A 182 -9.16 -8.28 15.50
CA LEU A 182 -8.61 -7.17 14.74
C LEU A 182 -7.35 -7.61 14.01
N SER A 183 -7.36 -7.46 12.68
CA SER A 183 -6.17 -7.76 11.87
C SER A 183 -5.58 -6.54 11.16
N CYS A 184 -4.36 -6.67 10.70
CA CYS A 184 -3.65 -5.53 10.15
C CYS A 184 -2.71 -5.95 9.01
N GLN A 185 -2.76 -5.19 7.92
CA GLN A 185 -1.76 -5.37 6.87
C GLN A 185 -1.00 -4.06 6.72
N LEU A 186 0.30 -4.16 6.56
CA LEU A 186 1.14 -3.00 6.37
C LEU A 186 1.78 -3.06 5.00
N TYR A 187 1.75 -1.96 4.26
CA TYR A 187 2.55 -1.87 3.03
C TYR A 187 3.83 -1.06 3.28
N GLN A 188 4.96 -1.75 3.19
CA GLN A 188 6.27 -1.16 3.37
C GLN A 188 7.00 -1.08 2.03
N ARG A 189 7.24 0.14 1.53
CA ARG A 189 7.94 0.34 0.24
C ARG A 189 9.40 -0.10 0.28
N SER A 190 9.99 -0.25 1.47
CA SER A 190 11.41 -0.49 1.56
C SER A 190 11.82 -1.04 2.90
N GLY A 191 12.46 -2.20 2.84
CA GLY A 191 12.85 -2.88 4.05
C GLY A 191 14.27 -3.40 4.02
N ASP A 192 15.09 -2.83 4.88
CA ASP A 192 16.40 -3.39 5.20
C ASP A 192 16.16 -4.65 6.04
N MET A 193 16.39 -5.82 5.44
CA MET A 193 16.07 -7.07 6.10
C MET A 193 16.98 -7.30 7.30
N GLY A 194 18.14 -6.65 7.27
CA GLY A 194 19.15 -6.78 8.29
C GLY A 194 18.83 -6.11 9.61
N LEU A 195 18.34 -4.87 9.56
CA LEU A 195 18.05 -4.08 10.77
C LEU A 195 16.58 -3.72 10.88
N GLY A 196 16.11 -2.92 9.93
CA GLY A 196 14.77 -2.36 9.99
C GLY A 196 13.63 -3.34 10.12
N VAL A 197 13.57 -4.37 9.26
CA VAL A 197 12.34 -5.18 9.11
C VAL A 197 11.88 -5.92 10.39
N PRO A 198 12.82 -6.50 11.17
CA PRO A 198 12.33 -7.11 12.42
C PRO A 198 11.67 -6.07 13.34
N PHE A 199 12.33 -4.92 13.48
CA PHE A 199 11.81 -3.80 14.22
C PHE A 199 10.41 -3.43 13.73
N ASN A 200 10.29 -3.26 12.41
CA ASN A 200 9.04 -2.89 11.74
C ASN A 200 7.89 -3.85 11.96
N ILE A 201 8.18 -5.15 11.91
CA ILE A 201 7.20 -6.17 12.22
C ILE A 201 6.66 -5.97 13.66
N ALA A 202 7.57 -5.77 14.61
CA ALA A 202 7.18 -5.59 16.01
C ALA A 202 6.28 -4.35 16.19
N SER A 203 6.69 -3.24 15.56
CA SER A 203 5.95 -1.98 15.60
C SER A 203 4.47 -2.10 15.28
N TYR A 204 4.13 -2.72 14.14
CA TYR A 204 2.75 -2.73 13.66
C TYR A 204 1.92 -3.82 14.35
N SER A 205 2.60 -4.88 14.77
CA SER A 205 2.00 -5.88 15.63
C SER A 205 1.59 -5.20 16.94
N LEU A 206 2.49 -4.41 17.51
CA LEU A 206 2.21 -3.73 18.77
C LEU A 206 1.02 -2.80 18.60
N LEU A 207 0.99 -2.10 17.47
CA LEU A 207 -0.08 -1.16 17.16
C LEU A 207 -1.42 -1.89 17.11
N THR A 208 -1.36 -3.15 16.69
CA THR A 208 -2.59 -3.89 16.50
C THR A 208 -3.10 -4.37 17.86
N TYR A 209 -2.17 -4.77 18.73
CA TYR A 209 -2.52 -5.12 20.11
C TYR A 209 -3.20 -3.95 20.83
N MET A 210 -2.61 -2.77 20.72
CA MET A 210 -3.17 -1.56 21.31
C MET A 210 -4.56 -1.25 20.76
N LEU A 211 -4.72 -1.31 19.44
CA LEU A 211 -6.02 -1.02 18.82
C LEU A 211 -7.07 -2.06 19.25
N ALA A 212 -6.66 -3.33 19.34
CA ALA A 212 -7.53 -4.41 19.79
C ALA A 212 -7.98 -4.19 21.24
N HIS A 213 -7.03 -3.83 22.10
CA HIS A 213 -7.31 -3.56 23.51
C HIS A 213 -8.34 -2.43 23.67
N VAL A 214 -8.06 -1.31 22.99
CA VAL A 214 -8.90 -0.11 23.03
C VAL A 214 -10.31 -0.33 22.47
N THR A 215 -10.48 -1.32 21.59
CA THR A 215 -11.74 -1.42 20.87
C THR A 215 -12.55 -2.64 21.32
N GLY A 216 -11.93 -3.49 22.13
CA GLY A 216 -12.61 -4.64 22.71
C GLY A 216 -12.53 -5.90 21.89
N LEU A 217 -11.41 -6.04 21.18
CA LEU A 217 -11.21 -7.14 20.23
C LEU A 217 -9.92 -7.88 20.54
N ARG A 218 -9.78 -9.08 19.99
CA ARG A 218 -8.57 -9.85 20.20
C ARG A 218 -7.64 -9.70 18.98
N PRO A 219 -6.32 -9.57 19.22
CA PRO A 219 -5.36 -9.49 18.12
C PRO A 219 -5.51 -10.67 17.16
N GLY A 220 -5.58 -10.41 15.85
CA GLY A 220 -5.83 -11.45 14.89
C GLY A 220 -4.55 -11.85 14.19
N GLU A 221 -4.37 -11.30 12.99
CA GLU A 221 -3.20 -11.57 12.18
C GLU A 221 -2.54 -10.25 11.78
N PHE A 222 -1.22 -10.27 11.65
CA PHE A 222 -0.50 -9.15 11.04
C PHE A 222 0.11 -9.59 9.71
N ILE A 223 -0.31 -8.98 8.61
CA ILE A 223 0.25 -9.30 7.30
C ILE A 223 1.31 -8.25 6.90
N HIS A 224 2.46 -8.72 6.47
CA HIS A 224 3.56 -7.82 6.16
C HIS A 224 3.90 -7.87 4.68
N THR A 225 3.58 -6.78 3.99
CA THR A 225 3.80 -6.70 2.57
C THR A 225 4.93 -5.74 2.28
N LEU A 226 5.95 -6.22 1.56
CA LEU A 226 7.08 -5.37 1.24
C LEU A 226 7.17 -5.06 -0.25
N GLY A 227 7.73 -3.90 -0.56
CA GLY A 227 8.12 -3.53 -1.91
C GLY A 227 9.54 -3.98 -2.20
N ASP A 228 10.49 -3.05 -2.10
CA ASP A 228 11.91 -3.36 -2.18
C ASP A 228 12.41 -4.04 -0.89
N ALA A 229 12.69 -5.33 -0.99
CA ALA A 229 13.21 -6.10 0.14
C ALA A 229 14.69 -6.33 -0.09
N HIS A 230 15.53 -5.79 0.78
CA HIS A 230 16.96 -5.80 0.49
C HIS A 230 17.88 -6.05 1.68
N ILE A 231 19.12 -6.29 1.32
CA ILE A 231 20.21 -6.60 2.20
C ILE A 231 21.37 -5.76 1.71
N TYR A 232 21.93 -4.89 2.55
CA TYR A 232 23.15 -4.17 2.18
C TYR A 232 24.29 -5.16 2.09
N LYS A 233 25.10 -5.07 1.04
CA LYS A 233 26.16 -6.06 0.81
C LYS A 233 27.15 -6.17 1.97
N THR A 234 27.33 -5.09 2.74
CA THR A 234 28.29 -5.11 3.86
C THR A 234 27.85 -6.00 5.02
N HIS A 235 26.56 -6.32 5.07
CA HIS A 235 25.97 -7.08 6.19
C HIS A 235 25.78 -8.56 5.83
N ILE A 236 26.20 -8.94 4.63
CA ILE A 236 25.95 -10.31 4.18
C ILE A 236 26.56 -11.31 5.16
N GLU A 237 27.78 -11.04 5.62
CA GLU A 237 28.47 -11.95 6.54
C GLU A 237 27.73 -12.18 7.88
N PRO A 238 27.39 -11.10 8.65
CA PRO A 238 26.62 -11.34 9.89
C PRO A 238 25.28 -12.03 9.66
N LEU A 239 24.66 -11.80 8.50
CA LEU A 239 23.38 -12.42 8.20
C LEU A 239 23.53 -13.93 7.93
N ARG A 240 24.63 -14.32 7.28
CA ARG A 240 24.97 -15.74 7.11
C ARG A 240 24.95 -16.45 8.44
N LEU A 241 25.56 -15.80 9.41
CA LEU A 241 25.59 -16.30 10.76
C LEU A 241 24.17 -16.43 11.30
N GLN A 242 23.37 -15.37 11.14
CA GLN A 242 22.03 -15.37 11.72
C GLN A 242 21.21 -16.56 11.20
N LEU A 243 21.41 -16.87 9.92
CA LEU A 243 20.61 -17.89 9.24
C LEU A 243 20.85 -19.28 9.77
N THR A 244 21.93 -19.48 10.52
CA THR A 244 22.20 -20.78 11.11
C THR A 244 21.48 -20.97 12.44
N ARG A 245 21.10 -19.86 13.06
CA ARG A 245 20.38 -19.91 14.33
C ARG A 245 19.03 -20.59 14.15
N THR A 246 18.65 -21.44 15.10
CA THR A 246 17.31 -21.98 15.10
C THR A 246 16.41 -21.03 15.87
N PRO A 247 15.26 -20.67 15.29
CA PRO A 247 14.28 -19.79 15.96
C PRO A 247 13.80 -20.39 17.28
N ARG A 248 13.62 -19.55 18.28
CA ARG A 248 13.01 -20.00 19.52
C ARG A 248 11.56 -19.49 19.61
N PRO A 249 10.72 -20.15 20.40
CA PRO A 249 9.31 -19.76 20.51
C PRO A 249 9.11 -18.28 20.78
N PHE A 250 8.16 -17.69 20.06
CA PHE A 250 7.84 -16.27 20.21
C PHE A 250 7.40 -15.99 21.62
N PRO A 251 7.71 -14.79 22.13
CA PRO A 251 7.24 -14.36 23.44
C PRO A 251 5.74 -14.12 23.40
N ARG A 252 5.24 -13.45 24.43
CA ARG A 252 3.85 -13.04 24.49
C ARG A 252 3.80 -11.62 24.98
N LEU A 253 2.64 -10.98 24.83
CA LEU A 253 2.48 -9.60 25.23
C LEU A 253 1.24 -9.41 26.06
N GLU A 254 1.43 -8.95 27.29
CA GLU A 254 0.32 -8.74 28.20
C GLU A 254 0.11 -7.26 28.37
N ILE A 255 -1.13 -6.82 28.24
CA ILE A 255 -1.44 -5.42 28.49
C ILE A 255 -2.01 -5.31 29.90
N LEU A 256 -1.29 -4.63 30.77
CA LEU A 256 -1.55 -4.67 32.22
C LEU A 256 -2.92 -4.11 32.61
N ARG A 257 -3.06 -2.79 32.65
CA ARG A 257 -4.33 -2.18 33.06
C ARG A 257 -5.23 -1.98 31.85
N SER A 258 -6.44 -1.46 32.08
CA SER A 258 -7.34 -1.11 30.99
C SER A 258 -7.05 0.28 30.49
N VAL A 259 -6.80 0.40 29.18
CA VAL A 259 -6.59 1.70 28.56
C VAL A 259 -7.70 1.96 27.54
N SER A 260 -8.32 3.13 27.63
CA SER A 260 -9.54 3.42 26.89
C SER A 260 -9.32 4.27 25.63
N SER A 261 -8.17 4.93 25.54
CA SER A 261 -7.83 5.74 24.38
C SER A 261 -6.40 5.40 23.92
N MET A 262 -6.18 5.37 22.60
CA MET A 262 -4.87 5.06 22.02
C MET A 262 -3.77 6.01 22.51
N GLU A 263 -4.17 7.16 23.05
CA GLU A 263 -3.24 8.18 23.52
C GLU A 263 -2.82 8.04 24.98
N GLU A 264 -3.45 7.14 25.72
CA GLU A 264 -3.21 7.00 27.15
C GLU A 264 -2.28 5.86 27.52
N PHE A 265 -1.68 5.21 26.52
CA PHE A 265 -0.72 4.14 26.80
C PHE A 265 0.60 4.72 27.31
N THR A 266 1.20 4.04 28.28
CA THR A 266 2.54 4.36 28.75
C THR A 266 3.39 3.11 28.57
N PRO A 267 4.72 3.27 28.40
CA PRO A 267 5.62 2.10 28.25
C PRO A 267 5.38 0.99 29.28
N ASP A 268 4.80 1.37 30.42
CA ASP A 268 4.59 0.46 31.54
C ASP A 268 3.39 -0.49 31.40
N ASP A 269 2.43 -0.17 30.52
CA ASP A 269 1.24 -1.01 30.37
C ASP A 269 1.56 -2.32 29.65
N PHE A 270 2.81 -2.47 29.18
CA PHE A 270 3.19 -3.59 28.32
C PHE A 270 4.14 -4.57 28.98
N ARG A 271 3.68 -5.81 29.12
CA ARG A 271 4.49 -6.89 29.70
C ARG A 271 4.90 -7.90 28.63
N LEU A 272 6.19 -7.91 28.33
CA LEU A 272 6.75 -8.86 27.38
C LEU A 272 7.24 -10.12 28.10
N VAL A 273 6.70 -11.26 27.70
CA VAL A 273 6.93 -12.54 28.36
C VAL A 273 6.93 -13.69 27.36
N ASP A 274 7.96 -14.53 27.25
CA ASP A 274 9.33 -14.32 27.70
C ASP A 274 10.22 -14.25 26.46
N TYR A 275 10.83 -13.10 26.25
CA TYR A 275 11.66 -12.90 25.08
C TYR A 275 13.09 -13.35 25.33
N CYS A 276 13.47 -14.48 24.74
CA CYS A 276 14.84 -14.99 24.91
C CYS A 276 15.50 -15.19 23.54
N PRO A 277 15.97 -14.08 22.94
CA PRO A 277 16.58 -14.09 21.62
C PRO A 277 18.01 -14.62 21.59
N HIS A 278 18.45 -15.11 20.43
CA HIS A 278 19.86 -15.39 20.24
C HIS A 278 20.63 -14.06 20.36
N PRO A 279 21.90 -14.12 20.78
CA PRO A 279 22.64 -12.88 21.04
C PRO A 279 22.65 -11.92 19.84
N THR A 280 22.64 -10.62 20.12
CA THR A 280 22.75 -9.58 19.11
C THR A 280 24.01 -9.78 18.24
N ILE A 281 23.95 -9.32 16.99
CA ILE A 281 25.07 -9.50 16.05
C ILE A 281 25.67 -8.18 15.56
N PRO B 1 2.72 -24.04 -14.99
CA PRO B 1 1.54 -23.78 -14.17
C PRO B 1 1.02 -22.38 -14.47
N HIS B 2 -0.17 -22.32 -15.06
CA HIS B 2 -0.77 -21.06 -15.49
C HIS B 2 -0.96 -20.09 -14.30
N GLU B 3 -0.53 -18.84 -14.49
CA GLU B 3 -0.64 -17.79 -13.48
C GLU B 3 -2.08 -17.45 -13.09
N GLU B 4 -3.01 -17.63 -14.02
CA GLU B 4 -4.41 -17.37 -13.72
C GLU B 4 -4.93 -18.30 -12.58
N LEU B 5 -4.29 -19.43 -12.37
CA LEU B 5 -4.69 -20.33 -11.28
C LEU B 5 -4.52 -19.67 -9.89
N GLN B 6 -3.63 -18.69 -9.77
CA GLN B 6 -3.50 -17.91 -8.55
C GLN B 6 -4.82 -17.24 -8.22
N TYR B 7 -5.38 -16.56 -9.22
CA TYR B 7 -6.66 -15.90 -9.07
C TYR B 7 -7.74 -16.93 -8.78
N LEU B 8 -7.70 -18.06 -9.47
CA LEU B 8 -8.73 -19.08 -9.32
C LEU B 8 -8.62 -19.76 -7.95
N ARG B 9 -7.41 -19.91 -7.42
CA ARG B 9 -7.26 -20.51 -6.09
C ARG B 9 -7.75 -19.55 -5.02
N GLN B 10 -7.45 -18.27 -5.20
CA GLN B 10 -7.92 -17.23 -4.28
C GLN B 10 -9.46 -17.18 -4.23
N LEU B 11 -10.11 -17.13 -5.39
CA LEU B 11 -11.56 -17.37 -5.46
C LEU B 11 -12.04 -18.58 -4.64
N ARG B 12 -11.42 -19.72 -4.91
CA ARG B 12 -11.79 -20.97 -4.27
C ARG B 12 -11.62 -20.86 -2.77
N GLU B 13 -10.56 -20.20 -2.30
CA GLU B 13 -10.36 -20.02 -0.86
C GLU B 13 -11.40 -19.12 -0.22
N ILE B 14 -11.77 -18.05 -0.91
CA ILE B 14 -12.68 -17.08 -0.32
C ILE B 14 -14.05 -17.72 -0.18
N LEU B 15 -14.41 -18.51 -1.18
CA LEU B 15 -15.69 -19.18 -1.18
C LEU B 15 -15.75 -20.27 -0.08
N CYS B 16 -14.62 -20.91 0.21
CA CYS B 16 -14.61 -22.01 1.14
C CYS B 16 -14.28 -21.59 2.60
N ARG B 17 -13.35 -20.65 2.77
CA ARG B 17 -12.91 -20.29 4.11
C ARG B 17 -13.21 -18.83 4.45
N GLY B 18 -13.82 -18.12 3.51
CA GLY B 18 -14.06 -16.71 3.72
C GLY B 18 -14.92 -16.42 4.92
N SER B 19 -14.73 -15.24 5.51
CA SER B 19 -15.60 -14.76 6.56
C SER B 19 -16.94 -14.24 6.02
N ASP B 20 -18.03 -14.71 6.61
CA ASP B 20 -19.41 -14.36 6.24
C ASP B 20 -19.87 -13.11 6.98
N ARG B 21 -19.82 -11.95 6.31
CA ARG B 21 -20.08 -10.66 6.98
C ARG B 21 -21.03 -9.72 6.21
N LEU B 22 -21.89 -9.01 6.94
CA LEU B 22 -22.85 -8.10 6.30
C LEU B 22 -22.21 -6.76 5.95
N THR B 25 -23.19 -2.92 6.36
CA THR B 25 -24.25 -1.93 6.15
C THR B 25 -25.21 -2.34 5.02
N GLY B 26 -24.69 -2.52 3.82
CA GLY B 26 -25.53 -2.79 2.64
C GLY B 26 -24.95 -3.91 1.75
N ILE B 27 -25.68 -5.03 1.68
CA ILE B 27 -25.31 -6.28 0.97
C ILE B 27 -24.28 -7.10 1.75
N GLY B 28 -24.19 -8.39 1.47
CA GLY B 28 -23.34 -9.30 2.22
C GLY B 28 -22.26 -9.99 1.38
N THR B 29 -21.10 -10.25 1.97
CA THR B 29 -19.98 -10.89 1.27
C THR B 29 -19.26 -12.00 2.04
N LEU B 30 -18.52 -12.83 1.32
CA LEU B 30 -17.48 -13.70 1.88
C LEU B 30 -16.13 -13.02 1.65
N SER B 31 -15.24 -13.01 2.65
CA SER B 31 -13.96 -12.32 2.44
C SER B 31 -12.78 -12.90 3.21
N LEU B 32 -11.59 -12.65 2.67
CA LEU B 32 -10.33 -12.93 3.34
C LEU B 32 -9.49 -11.65 3.34
N PHE B 33 -8.46 -11.60 4.18
CA PHE B 33 -7.66 -10.40 4.32
C PHE B 33 -6.18 -10.72 4.13
N GLY B 34 -5.55 -10.06 3.16
CA GLY B 34 -4.15 -10.28 2.87
C GLY B 34 -3.91 -11.37 1.82
N MET B 35 -3.64 -10.94 0.60
CA MET B 35 -3.39 -11.86 -0.52
C MET B 35 -2.39 -11.24 -1.47
N GLN B 36 -1.60 -12.07 -2.13
CA GLN B 36 -0.63 -11.56 -3.06
C GLN B 36 -0.51 -12.53 -4.24
N ALA B 37 -0.40 -12.00 -5.46
CA ALA B 37 -0.24 -12.83 -6.64
C ALA B 37 0.76 -12.18 -7.59
N ARG B 38 1.47 -12.99 -8.38
CA ARG B 38 2.45 -12.47 -9.30
C ARG B 38 2.10 -12.80 -10.76
N TYR B 39 2.19 -11.80 -11.62
CA TYR B 39 1.91 -12.00 -13.04
C TYR B 39 3.08 -11.50 -13.87
N SER B 40 3.65 -12.38 -14.68
CA SER B 40 4.73 -12.01 -15.57
C SER B 40 4.19 -11.20 -16.76
N LEU B 41 4.94 -10.19 -17.16
CA LEU B 41 4.57 -9.33 -18.27
C LEU B 41 5.56 -9.50 -19.45
N ARG B 42 6.59 -10.32 -19.25
CA ARG B 42 7.64 -10.53 -20.27
C ARG B 42 7.13 -11.08 -21.60
N ASP B 43 6.48 -12.24 -21.58
CA ASP B 43 6.07 -12.86 -22.83
C ASP B 43 4.57 -12.83 -23.08
N HIS B 44 3.80 -12.31 -22.14
CA HIS B 44 2.37 -12.21 -22.37
C HIS B 44 1.71 -11.10 -21.54
N PHE B 45 0.43 -10.89 -21.77
CA PHE B 45 -0.31 -9.93 -20.99
C PHE B 45 -1.41 -10.66 -20.23
N PRO B 46 -1.37 -10.57 -18.88
CA PRO B 46 -2.26 -11.26 -17.94
C PRO B 46 -3.70 -10.75 -17.93
N LEU B 47 -4.36 -10.82 -19.09
CA LEU B 47 -5.79 -10.53 -19.19
C LEU B 47 -6.56 -11.84 -19.03
N LEU B 48 -7.32 -11.98 -17.94
CA LEU B 48 -7.86 -13.28 -17.52
C LEU B 48 -8.77 -13.91 -18.60
N THR B 49 -8.69 -15.24 -18.72
CA THR B 49 -9.37 -15.95 -19.80
C THR B 49 -10.60 -16.78 -19.34
N THR B 50 -10.75 -16.94 -18.02
CA THR B 50 -11.85 -17.71 -17.45
C THR B 50 -13.20 -17.05 -17.70
N LYS B 51 -13.19 -15.73 -17.80
CA LYS B 51 -14.33 -14.97 -18.30
C LYS B 51 -13.78 -13.76 -19.05
N ARG B 52 -14.52 -13.28 -20.05
CA ARG B 52 -14.06 -12.14 -20.85
C ARG B 52 -13.96 -10.91 -19.98
N VAL B 53 -12.86 -10.18 -20.12
CA VAL B 53 -12.70 -8.95 -19.37
C VAL B 53 -12.95 -7.75 -20.29
N PHE B 54 -13.67 -6.75 -19.78
CA PHE B 54 -14.01 -5.55 -20.55
C PHE B 54 -12.76 -4.72 -20.93
N TRP B 55 -11.90 -5.27 -21.79
CA TRP B 55 -10.64 -4.63 -22.21
C TRP B 55 -10.81 -3.20 -22.75
N ARG B 56 -11.86 -2.96 -23.54
CA ARG B 56 -12.11 -1.61 -24.06
C ARG B 56 -12.25 -0.61 -22.92
N GLY B 57 -12.98 -1.02 -21.87
CA GLY B 57 -13.10 -0.24 -20.65
C GLY B 57 -11.76 -0.03 -19.97
N VAL B 58 -10.93 -1.07 -19.95
CA VAL B 58 -9.64 -0.96 -19.26
C VAL B 58 -8.80 0.15 -19.89
N VAL B 59 -8.71 0.16 -21.21
CA VAL B 59 -7.87 1.13 -21.89
C VAL B 59 -8.40 2.56 -21.76
N GLN B 60 -9.66 2.77 -22.11
CA GLN B 60 -10.25 4.10 -22.04
C GLN B 60 -10.13 4.71 -20.66
N GLU B 61 -10.36 3.90 -19.62
CA GLU B 61 -10.32 4.40 -18.25
C GLU B 61 -8.92 4.76 -17.76
N LEU B 62 -7.88 4.05 -18.20
CA LEU B 62 -6.51 4.40 -17.80
C LEU B 62 -6.03 5.72 -18.44
N LEU B 63 -6.35 5.92 -19.71
CA LEU B 63 -5.94 7.14 -20.41
C LEU B 63 -6.66 8.34 -19.79
N TRP B 64 -7.94 8.15 -19.53
CA TRP B 64 -8.77 9.11 -18.78
C TRP B 64 -8.17 9.42 -17.40
N PHE B 65 -7.73 8.41 -16.65
CA PHE B 65 -6.93 8.63 -15.42
C PHE B 65 -5.70 9.46 -15.71
N LEU B 66 -4.90 9.02 -16.68
CA LEU B 66 -3.61 9.66 -16.97
C LEU B 66 -3.74 11.13 -17.39
N LYS B 67 -4.84 11.46 -18.08
CA LYS B 67 -5.30 12.84 -18.34
C LYS B 67 -5.36 13.75 -17.11
N GLY B 68 -5.67 13.16 -15.95
CA GLY B 68 -5.98 13.90 -14.73
C GLY B 68 -7.48 14.18 -14.62
N SER B 69 -8.24 13.66 -15.59
CA SER B 69 -9.63 13.99 -15.64
C SER B 69 -10.33 13.41 -14.42
N THR B 70 -11.28 14.18 -13.88
CA THR B 70 -12.20 13.69 -12.89
C THR B 70 -13.63 13.79 -13.41
N ASP B 71 -13.78 13.90 -14.72
CA ASP B 71 -15.07 14.13 -15.38
C ASP B 71 -15.62 12.82 -15.98
N SER B 72 -16.64 12.26 -15.32
CA SER B 72 -17.18 10.97 -15.74
C SER B 72 -17.82 11.05 -17.13
N ARG B 73 -18.24 12.24 -17.53
CA ARG B 73 -18.76 12.44 -18.89
C ARG B 73 -17.70 12.19 -19.97
N GLU B 74 -16.47 12.62 -19.71
CA GLU B 74 -15.41 12.49 -20.71
C GLU B 74 -15.05 11.04 -20.97
N LEU B 75 -15.15 10.20 -19.95
CA LEU B 75 -15.01 8.76 -20.13
C LEU B 75 -16.20 8.25 -20.91
N SER B 76 -17.38 8.68 -20.49
CA SER B 76 -18.64 8.32 -21.14
C SER B 76 -18.67 8.63 -22.66
N ARG B 77 -18.09 9.77 -23.05
CA ARG B 77 -18.07 10.20 -24.47
C ARG B 77 -17.42 9.16 -25.37
N THR B 78 -16.41 8.47 -24.85
CA THR B 78 -15.67 7.45 -25.58
C THR B 78 -16.39 6.09 -25.69
N GLY B 79 -17.51 5.93 -24.98
CA GLY B 79 -18.26 4.69 -25.04
C GLY B 79 -18.19 3.83 -23.77
N VAL B 80 -17.44 4.31 -22.79
CA VAL B 80 -17.23 3.55 -21.55
C VAL B 80 -18.05 4.14 -20.41
N LYS B 81 -19.05 3.39 -19.98
CA LYS B 81 -20.07 3.94 -19.11
C LYS B 81 -19.93 3.50 -17.64
N ILE B 82 -18.78 2.91 -17.27
CA ILE B 82 -18.67 2.28 -15.95
C ILE B 82 -18.67 3.26 -14.76
N TRP B 83 -18.36 4.53 -15.01
CA TRP B 83 -18.32 5.51 -13.94
C TRP B 83 -19.60 6.38 -13.95
N ASP B 84 -20.54 6.05 -14.82
CA ASP B 84 -21.72 6.91 -15.02
C ASP B 84 -22.75 6.88 -13.88
N LYS B 85 -23.00 5.70 -13.30
CA LYS B 85 -23.89 5.60 -12.14
C LYS B 85 -23.38 6.51 -10.99
N ASN B 86 -22.06 6.65 -10.89
CA ASN B 86 -21.42 7.43 -9.82
C ASN B 86 -21.35 8.94 -10.11
N GLY B 87 -21.53 9.33 -11.36
CA GLY B 87 -21.45 10.73 -11.75
C GLY B 87 -22.80 11.41 -11.92
N SER B 88 -23.87 10.65 -11.75
CA SER B 88 -25.21 11.21 -11.80
C SER B 88 -25.40 12.24 -10.70
N ARG B 89 -26.07 13.34 -11.04
CA ARG B 89 -26.37 14.37 -10.06
C ARG B 89 -27.15 13.74 -8.89
N GLU B 90 -27.85 12.64 -9.15
CA GLU B 90 -28.60 11.93 -8.13
C GLU B 90 -27.69 11.19 -7.14
N PHE B 91 -26.71 10.45 -7.65
CA PHE B 91 -25.76 9.74 -6.81
C PHE B 91 -24.92 10.70 -5.99
N LEU B 92 -24.47 11.75 -6.67
CA LEU B 92 -23.68 12.79 -6.04
C LEU B 92 -24.47 13.45 -4.92
N ALA B 93 -25.74 13.75 -5.20
CA ALA B 93 -26.63 14.30 -4.20
C ALA B 93 -26.68 13.38 -3.00
N GLY B 94 -26.80 12.08 -3.25
CA GLY B 94 -26.87 11.10 -2.18
C GLY B 94 -25.61 11.07 -1.33
N ARG B 95 -24.52 11.55 -1.92
CA ARG B 95 -23.22 11.60 -1.28
C ARG B 95 -23.02 12.90 -0.50
N GLY B 96 -24.06 13.73 -0.48
CA GLY B 96 -23.97 15.05 0.11
C GLY B 96 -23.15 16.01 -0.74
N LEU B 97 -23.14 15.78 -2.05
CA LEU B 97 -22.39 16.61 -2.98
C LEU B 97 -23.29 17.13 -4.09
N ALA B 98 -24.48 17.59 -3.71
CA ALA B 98 -25.53 17.95 -4.67
C ALA B 98 -25.15 19.09 -5.60
N HIS B 99 -24.28 19.99 -5.13
CA HIS B 99 -24.01 21.20 -5.91
C HIS B 99 -23.01 20.96 -7.05
N ARG B 100 -22.66 19.70 -7.28
CA ARG B 100 -21.84 19.29 -8.43
C ARG B 100 -22.63 19.33 -9.74
N ARG B 101 -21.97 19.66 -10.84
CA ARG B 101 -22.57 19.43 -12.16
C ARG B 101 -22.46 17.95 -12.50
N GLU B 102 -23.28 17.50 -13.45
CA GLU B 102 -23.26 16.09 -13.84
C GLU B 102 -21.88 15.66 -14.31
N GLY B 103 -21.40 14.55 -13.76
CA GLY B 103 -20.13 13.97 -14.16
C GLY B 103 -18.95 14.43 -13.32
N ASP B 104 -19.20 15.35 -12.39
CA ASP B 104 -18.14 15.81 -11.48
C ASP B 104 -18.01 14.87 -10.29
N LEU B 105 -17.00 14.00 -10.35
CA LEU B 105 -16.75 12.95 -9.36
C LEU B 105 -15.92 13.41 -8.15
N GLY B 106 -15.31 14.59 -8.24
CA GLY B 106 -14.46 15.06 -7.16
C GLY B 106 -13.02 14.68 -7.41
N PRO B 107 -12.15 14.88 -6.41
CA PRO B 107 -10.70 14.66 -6.54
C PRO B 107 -10.33 13.17 -6.50
N VAL B 108 -10.77 12.44 -7.53
CA VAL B 108 -10.57 11.00 -7.69
C VAL B 108 -9.19 10.77 -8.37
N TYR B 109 -8.87 9.53 -8.74
CA TYR B 109 -7.56 9.10 -9.28
C TYR B 109 -6.80 10.12 -10.13
N GLY B 110 -7.43 10.61 -11.18
CA GLY B 110 -6.76 11.52 -12.11
C GLY B 110 -6.22 12.75 -11.42
N PHE B 111 -7.05 13.35 -10.56
CA PHE B 111 -6.66 14.51 -9.80
C PHE B 111 -5.56 14.18 -8.78
N GLN B 112 -5.63 12.99 -8.17
CA GLN B 112 -4.62 12.65 -7.16
C GLN B 112 -3.30 12.27 -7.82
N TRP B 113 -3.37 11.68 -9.00
CA TRP B 113 -2.17 11.29 -9.74
C TRP B 113 -1.39 12.48 -10.30
N ARG B 114 -2.11 13.53 -10.69
CA ARG B 114 -1.50 14.68 -11.37
C ARG B 114 -1.41 15.91 -10.48
N HIS B 115 -2.22 15.97 -9.42
CA HIS B 115 -2.34 17.19 -8.62
C HIS B 115 -2.53 16.93 -7.12
N PHE B 116 -1.77 16.00 -6.56
CA PHE B 116 -1.98 15.58 -5.16
C PHE B 116 -1.79 16.75 -4.20
N GLY B 117 -2.73 16.93 -3.28
CA GLY B 117 -2.59 17.98 -2.27
C GLY B 117 -3.23 19.29 -2.68
N ALA B 118 -3.65 19.38 -3.93
CA ALA B 118 -4.32 20.58 -4.40
C ALA B 118 -5.70 20.69 -3.82
N ALA B 119 -6.17 21.93 -3.69
CA ALA B 119 -7.57 22.20 -3.38
C ALA B 119 -8.45 21.85 -4.58
N TYR B 120 -9.42 20.98 -4.37
CA TYR B 120 -10.38 20.70 -5.42
C TYR B 120 -11.44 21.79 -5.52
N VAL B 121 -11.71 22.27 -6.73
CA VAL B 121 -12.84 23.16 -6.92
C VAL B 121 -13.95 22.43 -7.67
N ASP B 122 -13.74 22.14 -8.95
CA ASP B 122 -14.60 21.20 -9.68
C ASP B 122 -13.89 20.55 -10.88
N ALA B 123 -14.64 19.75 -11.63
CA ALA B 123 -14.06 18.97 -12.74
C ALA B 123 -13.62 19.83 -13.92
N ASP B 124 -14.08 21.08 -13.96
CA ASP B 124 -13.78 21.96 -15.09
C ASP B 124 -12.66 22.91 -14.78
N ALA B 125 -12.33 23.04 -13.50
CA ALA B 125 -11.27 23.96 -13.09
C ALA B 125 -9.95 23.54 -13.71
N ASP B 126 -9.12 24.52 -14.05
CA ASP B 126 -7.78 24.27 -14.55
C ASP B 126 -6.80 24.17 -13.36
N TYR B 127 -6.05 23.07 -13.29
CA TYR B 127 -5.23 22.78 -12.11
C TYR B 127 -3.72 22.84 -12.37
N THR B 128 -3.35 23.15 -13.61
CA THR B 128 -1.95 23.23 -14.05
C THR B 128 -1.00 23.83 -13.03
N GLY B 129 0.07 23.10 -12.72
CA GLY B 129 1.04 23.57 -11.76
C GLY B 129 0.58 23.55 -10.33
N GLN B 130 -0.63 23.04 -10.08
CA GLN B 130 -1.09 22.90 -8.70
C GLN B 130 -0.91 21.46 -8.19
N GLY B 131 -0.54 21.36 -6.92
CA GLY B 131 -0.37 20.07 -6.27
C GLY B 131 0.80 19.31 -6.84
N PHE B 132 1.02 18.11 -6.30
CA PHE B 132 2.16 17.29 -6.65
C PHE B 132 1.82 16.38 -7.82
N ASP B 133 2.55 16.51 -8.92
CA ASP B 133 2.34 15.63 -10.06
C ASP B 133 3.09 14.33 -9.84
N GLN B 134 2.34 13.25 -9.64
CA GLN B 134 2.97 11.97 -9.32
C GLN B 134 3.41 11.23 -10.58
N LEU B 135 2.64 11.39 -11.66
CA LEU B 135 3.03 10.75 -12.92
C LEU B 135 4.40 11.25 -13.40
N SER B 136 4.59 12.57 -13.47
CA SER B 136 5.90 13.14 -13.85
C SER B 136 6.99 12.70 -12.91
N TYR B 137 6.60 12.56 -11.64
CA TYR B 137 7.55 12.17 -10.60
C TYR B 137 8.13 10.76 -10.82
N ILE B 138 7.27 9.76 -11.02
CA ILE B 138 7.77 8.39 -11.16
C ILE B 138 8.45 8.24 -12.52
N VAL B 139 7.92 8.89 -13.55
CA VAL B 139 8.54 8.80 -14.88
C VAL B 139 9.96 9.34 -14.81
N ASP B 140 10.15 10.45 -14.12
CA ASP B 140 11.49 11.00 -14.00
C ASP B 140 12.39 10.02 -13.24
N LEU B 141 11.88 9.43 -12.15
CA LEU B 141 12.70 8.54 -11.33
C LEU B 141 13.08 7.28 -12.12
N ILE B 142 12.14 6.77 -12.91
CA ILE B 142 12.38 5.55 -13.67
C ILE B 142 13.41 5.82 -14.77
N LYS B 143 13.42 7.05 -15.28
CA LYS B 143 14.39 7.44 -16.31
C LYS B 143 15.78 7.75 -15.70
N ASN B 144 15.84 8.48 -14.60
CA ASN B 144 17.12 9.02 -14.15
C ASN B 144 17.63 8.48 -12.83
N ASN B 145 16.82 7.64 -12.18
CA ASN B 145 17.21 7.09 -10.89
C ASN B 145 16.49 5.78 -10.64
N PRO B 146 16.62 4.82 -11.58
CA PRO B 146 15.72 3.66 -11.59
C PRO B 146 15.78 2.76 -10.35
N HIS B 147 16.88 2.79 -9.61
CA HIS B 147 16.99 1.93 -8.43
C HIS B 147 16.46 2.62 -7.18
N ASP B 148 15.85 3.79 -7.35
CA ASP B 148 15.23 4.49 -6.22
C ASP B 148 14.11 3.68 -5.61
N ARG B 149 14.01 3.69 -4.29
CA ARG B 149 12.97 2.93 -3.59
C ARG B 149 11.71 3.75 -3.25
N ARG B 150 11.57 4.93 -3.86
CA ARG B 150 10.39 5.76 -3.63
C ARG B 150 9.56 6.03 -4.87
N ILE B 151 9.62 5.12 -5.84
CA ILE B 151 8.88 5.28 -7.09
C ILE B 151 7.45 4.84 -6.87
N ILE B 152 6.65 5.75 -6.34
CA ILE B 152 5.32 5.42 -5.85
C ILE B 152 4.34 6.41 -6.43
N MET B 153 3.16 5.92 -6.78
CA MET B 153 2.02 6.77 -7.12
C MET B 153 0.88 6.34 -6.20
N CYS B 154 0.38 7.26 -5.38
CA CYS B 154 -0.64 6.95 -4.38
C CYS B 154 -1.93 7.75 -4.61
N ALA B 155 -3.07 7.07 -4.60
CA ALA B 155 -4.35 7.71 -4.82
C ALA B 155 -5.10 7.96 -3.51
N TRP B 156 -4.56 7.45 -2.40
CA TRP B 156 -5.25 7.59 -1.11
C TRP B 156 -4.89 8.91 -0.44
N ASN B 157 -5.89 9.80 -0.39
CA ASN B 157 -5.77 11.12 0.20
C ASN B 157 -6.92 11.40 1.18
N PRO B 158 -6.75 11.00 2.45
CA PRO B 158 -7.84 10.98 3.45
C PRO B 158 -8.60 12.32 3.57
N ALA B 159 -7.86 13.42 3.44
CA ALA B 159 -8.42 14.77 3.48
C ALA B 159 -9.38 15.07 2.34
N ASP B 160 -9.31 14.29 1.25
CA ASP B 160 -10.16 14.53 0.10
C ASP B 160 -11.34 13.56 0.02
N LEU B 161 -11.47 12.66 1.00
CA LEU B 161 -12.47 11.58 0.90
C LEU B 161 -13.92 12.06 0.76
N SER B 162 -14.29 13.07 1.54
CA SER B 162 -15.65 13.58 1.56
C SER B 162 -16.03 14.37 0.28
N LEU B 163 -15.03 14.74 -0.51
CA LEU B 163 -15.28 15.36 -1.82
C LEU B 163 -15.39 14.33 -2.93
N MET B 164 -15.09 13.07 -2.59
CA MET B 164 -15.04 12.00 -3.59
C MET B 164 -16.36 11.28 -3.71
N ALA B 165 -16.77 11.04 -4.96
CA ALA B 165 -17.96 10.26 -5.27
C ALA B 165 -17.81 8.85 -4.70
N LEU B 166 -16.64 8.25 -4.89
CA LEU B 166 -16.26 6.96 -4.28
C LEU B 166 -14.77 6.97 -3.96
N PRO B 167 -14.41 6.55 -2.75
CA PRO B 167 -13.00 6.57 -2.38
C PRO B 167 -12.24 5.51 -3.19
N PRO B 168 -10.96 5.75 -3.50
CA PRO B 168 -10.22 4.80 -4.36
C PRO B 168 -10.07 3.40 -3.78
N CYS B 169 -10.12 2.38 -4.63
CA CYS B 169 -9.80 1.03 -4.20
C CYS B 169 -8.37 0.70 -4.41
N HIS B 170 -7.77 1.19 -5.48
CA HIS B 170 -6.39 0.73 -5.63
C HIS B 170 -5.57 1.91 -5.23
N LEU B 171 -5.00 1.75 -4.04
CA LEU B 171 -4.47 2.83 -3.22
C LEU B 171 -3.17 3.35 -3.77
N LEU B 172 -2.27 2.44 -4.13
CA LEU B 172 -0.98 2.90 -4.58
C LEU B 172 -0.23 1.89 -5.40
N CYS B 173 0.61 2.38 -6.28
CA CYS B 173 1.52 1.48 -6.95
C CYS B 173 2.98 1.89 -6.68
N GLN B 174 3.83 0.88 -6.62
CA GLN B 174 5.24 1.12 -6.53
C GLN B 174 5.89 0.44 -7.74
N PHE B 175 6.98 1.04 -8.22
CA PHE B 175 7.68 0.52 -9.37
C PHE B 175 9.10 0.17 -9.02
N TYR B 176 9.66 -0.75 -9.80
CA TYR B 176 10.94 -1.35 -9.49
C TYR B 176 11.65 -1.64 -10.81
N VAL B 177 12.95 -1.38 -10.84
CA VAL B 177 13.73 -1.56 -12.04
C VAL B 177 14.92 -2.47 -11.76
N ALA B 178 15.03 -3.53 -12.54
CA ALA B 178 16.20 -4.39 -12.46
C ALA B 178 16.40 -5.17 -13.75
N ASP B 179 17.68 -5.35 -14.11
CA ASP B 179 18.03 -6.03 -15.36
C ASP B 179 17.25 -5.47 -16.55
N GLY B 180 17.13 -4.15 -16.63
CA GLY B 180 16.35 -3.51 -17.68
C GLY B 180 14.86 -3.84 -17.73
N GLU B 181 14.33 -4.35 -16.63
CA GLU B 181 12.90 -4.65 -16.58
C GLU B 181 12.15 -3.75 -15.61
N LEU B 182 10.95 -3.34 -16.00
CA LEU B 182 10.10 -2.52 -15.14
C LEU B 182 8.97 -3.34 -14.48
N SER B 183 9.03 -3.49 -13.16
CA SER B 183 7.98 -4.19 -12.41
C SER B 183 7.15 -3.20 -11.58
N CYS B 184 6.05 -3.70 -11.01
CA CYS B 184 5.03 -2.86 -10.39
C CYS B 184 4.26 -3.65 -9.36
N GLN B 185 4.07 -3.08 -8.18
CA GLN B 185 3.30 -3.76 -7.14
C GLN B 185 2.09 -2.83 -7.03
N LEU B 186 0.87 -3.36 -6.97
CA LEU B 186 -0.29 -2.52 -6.69
C LEU B 186 -0.83 -2.90 -5.33
N TYR B 187 -1.14 -1.91 -4.47
CA TYR B 187 -1.83 -2.22 -3.23
C TYR B 187 -3.30 -1.84 -3.39
N GLN B 188 -4.16 -2.83 -3.27
CA GLN B 188 -5.59 -2.64 -3.41
C GLN B 188 -6.29 -2.94 -2.09
N ARG B 189 -6.90 -1.91 -1.50
CA ARG B 189 -7.53 -2.02 -0.20
C ARG B 189 -8.77 -2.91 -0.27
N SER B 190 -9.32 -3.07 -1.47
CA SER B 190 -10.61 -3.74 -1.60
C SER B 190 -10.79 -4.32 -2.99
N GLY B 191 -11.14 -5.59 -3.04
CA GLY B 191 -11.24 -6.28 -4.30
C GLY B 191 -12.43 -7.19 -4.42
N ASP B 192 -13.34 -6.81 -5.32
CA ASP B 192 -14.42 -7.66 -5.77
C ASP B 192 -13.87 -8.66 -6.76
N MET B 193 -13.77 -9.93 -6.36
CA MET B 193 -13.20 -10.98 -7.22
C MET B 193 -14.06 -11.25 -8.45
N GLY B 194 -15.36 -10.97 -8.32
CA GLY B 194 -16.29 -11.26 -9.38
C GLY B 194 -16.22 -10.30 -10.56
N LEU B 195 -15.83 -9.06 -10.31
CA LEU B 195 -15.85 -8.08 -11.40
C LEU B 195 -14.58 -7.22 -11.43
N GLY B 196 -14.35 -6.45 -10.37
CA GLY B 196 -13.22 -5.54 -10.34
C GLY B 196 -11.85 -6.17 -10.55
N VAL B 197 -11.56 -7.25 -9.84
CA VAL B 197 -10.18 -7.74 -9.71
C VAL B 197 -9.54 -8.17 -11.05
N PRO B 198 -10.26 -8.93 -11.92
CA PRO B 198 -9.66 -9.17 -13.25
C PRO B 198 -9.39 -7.88 -14.02
N PHE B 199 -10.33 -6.95 -13.94
CA PHE B 199 -10.21 -5.63 -14.57
C PHE B 199 -8.99 -4.86 -14.04
N ASN B 200 -8.84 -4.86 -12.71
CA ASN B 200 -7.78 -4.14 -12.03
C ASN B 200 -6.42 -4.69 -12.36
N ILE B 201 -6.34 -6.02 -12.46
CA ILE B 201 -5.11 -6.69 -12.86
C ILE B 201 -4.65 -6.15 -14.21
N ALA B 202 -5.57 -6.09 -15.16
CA ALA B 202 -5.30 -5.59 -16.51
C ALA B 202 -4.85 -4.13 -16.53
N SER B 203 -5.48 -3.29 -15.70
CA SER B 203 -5.22 -1.85 -15.70
C SER B 203 -3.78 -1.52 -15.38
N TYR B 204 -3.31 -2.04 -14.26
CA TYR B 204 -2.00 -1.71 -13.76
C TYR B 204 -0.94 -2.46 -14.57
N SER B 205 -1.30 -3.62 -15.14
CA SER B 205 -0.38 -4.31 -16.03
C SER B 205 -0.15 -3.45 -17.28
N LEU B 206 -1.24 -2.84 -17.77
CA LEU B 206 -1.19 -1.93 -18.91
C LEU B 206 -0.32 -0.70 -18.62
N LEU B 207 -0.52 -0.12 -17.43
CA LEU B 207 0.20 1.07 -17.00
C LEU B 207 1.69 0.79 -17.06
N THR B 208 2.07 -0.42 -16.67
CA THR B 208 3.47 -0.83 -16.64
C THR B 208 4.06 -1.02 -18.05
N TYR B 209 3.26 -1.59 -18.96
CA TYR B 209 3.67 -1.67 -20.36
C TYR B 209 3.91 -0.26 -20.93
N MET B 210 2.98 0.64 -20.63
CA MET B 210 3.05 2.01 -21.11
C MET B 210 4.26 2.75 -20.53
N LEU B 211 4.49 2.59 -19.24
CA LEU B 211 5.65 3.18 -18.58
C LEU B 211 6.96 2.56 -19.12
N ALA B 212 6.95 1.26 -19.36
CA ALA B 212 8.12 0.55 -19.90
C ALA B 212 8.51 1.11 -21.28
N HIS B 213 7.51 1.24 -22.14
CA HIS B 213 7.65 1.77 -23.49
C HIS B 213 8.25 3.16 -23.46
N VAL B 214 7.56 4.08 -22.80
CA VAL B 214 8.00 5.45 -22.65
C VAL B 214 9.43 5.58 -22.03
N THR B 215 9.87 4.61 -21.25
CA THR B 215 11.17 4.75 -20.56
C THR B 215 12.31 3.93 -21.18
N GLY B 216 11.99 3.13 -22.19
CA GLY B 216 12.99 2.30 -22.85
C GLY B 216 13.28 1.00 -22.13
N LEU B 217 12.36 0.56 -21.27
CA LEU B 217 12.57 -0.67 -20.53
C LEU B 217 11.62 -1.71 -21.04
N ARG B 218 11.86 -2.97 -20.69
CA ARG B 218 10.95 -4.07 -20.98
C ARG B 218 10.02 -4.35 -19.78
N PRO B 219 8.75 -4.68 -20.05
CA PRO B 219 7.81 -5.05 -18.99
C PRO B 219 8.34 -6.20 -18.14
N GLY B 220 8.23 -6.12 -16.80
CA GLY B 220 8.72 -7.17 -15.92
C GLY B 220 7.65 -8.06 -15.28
N GLU B 221 7.43 -7.87 -13.97
CA GLU B 221 6.37 -8.55 -13.20
C GLU B 221 5.31 -7.54 -12.69
N PHE B 222 4.07 -7.97 -12.64
CA PHE B 222 3.07 -7.22 -11.90
C PHE B 222 2.70 -8.01 -10.65
N ILE B 223 2.84 -7.40 -9.49
CA ILE B 223 2.49 -8.04 -8.23
C ILE B 223 1.24 -7.40 -7.68
N HIS B 224 0.24 -8.23 -7.42
CA HIS B 224 -1.07 -7.80 -6.96
C HIS B 224 -1.29 -8.13 -5.49
N THR B 225 -1.33 -7.11 -4.64
CA THR B 225 -1.54 -7.32 -3.22
C THR B 225 -2.92 -6.82 -2.84
N LEU B 226 -3.76 -7.72 -2.31
CA LEU B 226 -5.10 -7.35 -1.87
C LEU B 226 -5.21 -7.14 -0.35
N GLY B 227 -6.10 -6.22 0.03
CA GLY B 227 -6.56 -6.11 1.40
C GLY B 227 -7.79 -7.01 1.53
N ASP B 228 -8.97 -6.39 1.49
CA ASP B 228 -10.23 -7.13 1.57
C ASP B 228 -10.59 -7.78 0.22
N ALA B 229 -10.28 -9.07 0.09
CA ALA B 229 -10.64 -9.83 -1.10
C ALA B 229 -11.97 -10.48 -0.85
N HIS B 230 -12.98 -10.11 -1.60
CA HIS B 230 -14.31 -10.59 -1.28
C HIS B 230 -15.13 -11.03 -2.47
N ILE B 231 -16.06 -11.92 -2.17
CA ILE B 231 -17.07 -12.36 -3.09
C ILE B 231 -18.44 -11.89 -2.60
N TYR B 232 -19.20 -11.23 -3.45
CA TYR B 232 -20.59 -10.93 -3.07
C TYR B 232 -21.43 -12.19 -3.18
N LYS B 233 -22.32 -12.39 -2.23
CA LYS B 233 -23.02 -13.66 -2.14
C LYS B 233 -23.97 -13.92 -3.32
N THR B 234 -24.44 -12.87 -3.97
CA THR B 234 -25.33 -13.02 -5.12
C THR B 234 -24.59 -13.57 -6.33
N HIS B 235 -23.26 -13.55 -6.25
CA HIS B 235 -22.38 -13.95 -7.35
C HIS B 235 -21.90 -15.40 -7.23
N ILE B 236 -22.43 -16.13 -6.27
CA ILE B 236 -21.86 -17.44 -5.95
C ILE B 236 -22.08 -18.46 -7.05
N GLU B 237 -23.28 -18.56 -7.62
CA GLU B 237 -23.44 -19.57 -8.65
C GLU B 237 -22.79 -19.19 -9.98
N PRO B 238 -22.68 -17.89 -10.32
CA PRO B 238 -21.81 -17.69 -11.51
C PRO B 238 -20.30 -17.88 -11.26
N LEU B 239 -19.81 -17.63 -10.05
CA LEU B 239 -18.40 -17.84 -9.75
C LEU B 239 -18.03 -19.33 -9.66
N ARG B 240 -18.93 -20.14 -9.12
CA ARG B 240 -18.75 -21.59 -9.19
C ARG B 240 -18.70 -22.05 -10.65
N LEU B 241 -19.41 -21.36 -11.52
CA LEU B 241 -19.39 -21.69 -12.95
C LEU B 241 -17.97 -21.49 -13.51
N GLN B 242 -17.48 -20.27 -13.39
CA GLN B 242 -16.10 -19.97 -13.78
C GLN B 242 -14.99 -20.77 -13.02
N LEU B 243 -15.28 -21.28 -11.83
CA LEU B 243 -14.32 -22.13 -11.12
C LEU B 243 -14.13 -23.48 -11.83
N THR B 244 -15.05 -23.83 -12.72
CA THR B 244 -14.96 -25.12 -13.44
C THR B 244 -14.09 -25.04 -14.71
N ARG B 245 -13.89 -23.82 -15.19
CA ARG B 245 -13.22 -23.58 -16.46
C ARG B 245 -11.69 -23.56 -16.33
N THR B 246 -11.02 -24.14 -17.34
CA THR B 246 -9.57 -24.11 -17.38
C THR B 246 -9.08 -22.90 -18.17
N PRO B 247 -8.10 -22.17 -17.61
CA PRO B 247 -7.48 -21.04 -18.29
C PRO B 247 -6.97 -21.38 -19.70
N ARG B 248 -7.21 -20.49 -20.65
CA ARG B 248 -6.57 -20.54 -21.94
C ARG B 248 -5.28 -19.73 -21.84
N PRO B 249 -4.32 -19.99 -22.75
CA PRO B 249 -3.07 -19.19 -22.69
C PRO B 249 -3.33 -17.68 -22.77
N PHE B 250 -2.52 -16.90 -22.08
CA PHE B 250 -2.64 -15.44 -22.12
C PHE B 250 -2.32 -14.90 -23.50
N PRO B 251 -2.98 -13.80 -23.88
CA PRO B 251 -2.68 -13.05 -25.10
C PRO B 251 -1.38 -12.28 -25.00
N ARG B 252 -1.01 -11.57 -26.06
CA ARG B 252 0.13 -10.67 -25.97
C ARG B 252 -0.31 -9.24 -26.23
N LEU B 253 0.46 -8.29 -25.75
CA LEU B 253 0.10 -6.91 -25.96
C LEU B 253 1.18 -6.23 -26.76
N GLU B 254 0.78 -5.74 -27.92
CA GLU B 254 1.68 -4.99 -28.78
C GLU B 254 1.37 -3.50 -28.74
N ILE B 255 2.42 -2.69 -28.67
CA ILE B 255 2.32 -1.24 -28.76
C ILE B 255 2.77 -0.77 -30.15
N LEU B 256 1.82 -0.25 -30.93
CA LEU B 256 1.97 -0.09 -32.39
C LEU B 256 2.80 1.08 -32.90
N ARG B 257 3.42 1.85 -32.01
CA ARG B 257 4.19 3.03 -32.42
C ARG B 257 5.04 3.55 -31.27
N SER B 258 6.01 4.42 -31.58
CA SER B 258 6.79 5.12 -30.56
C SER B 258 6.00 6.25 -29.90
N VAL B 259 5.80 6.14 -28.60
CA VAL B 259 5.14 7.17 -27.81
C VAL B 259 6.15 7.68 -26.79
N SER B 260 6.48 8.96 -26.82
CA SER B 260 7.54 9.46 -25.95
C SER B 260 7.03 9.95 -24.58
N SER B 261 5.72 10.23 -24.48
CA SER B 261 5.16 10.78 -23.25
C SER B 261 3.92 9.99 -22.80
N MET B 262 3.76 9.81 -21.48
CA MET B 262 2.64 9.01 -20.96
C MET B 262 1.32 9.63 -21.41
N GLU B 263 1.34 10.90 -21.75
CA GLU B 263 0.10 11.61 -22.06
C GLU B 263 -0.34 11.46 -23.53
N GLU B 264 0.54 10.96 -24.38
CA GLU B 264 0.26 10.92 -25.83
C GLU B 264 -0.26 9.59 -26.35
N PHE B 265 -0.62 8.70 -25.43
CA PHE B 265 -1.15 7.40 -25.83
C PHE B 265 -2.59 7.49 -26.34
N THR B 266 -2.95 6.63 -27.29
CA THR B 266 -4.36 6.53 -27.71
C THR B 266 -4.77 5.06 -27.74
N PRO B 267 -6.09 4.77 -27.66
CA PRO B 267 -6.46 3.36 -27.67
C PRO B 267 -5.93 2.58 -28.88
N ASP B 268 -5.75 3.26 -30.01
CA ASP B 268 -5.36 2.58 -31.26
C ASP B 268 -3.85 2.26 -31.27
N ASP B 269 -3.15 2.63 -30.20
CA ASP B 269 -1.74 2.27 -30.09
C ASP B 269 -1.58 0.87 -29.51
N PHE B 270 -2.68 0.23 -29.17
CA PHE B 270 -2.62 -1.09 -28.52
C PHE B 270 -3.31 -2.18 -29.33
N ARG B 271 -2.59 -3.26 -29.59
CA ARG B 271 -3.16 -4.41 -30.26
C ARG B 271 -3.12 -5.61 -29.33
N LEU B 272 -4.29 -6.10 -28.97
CA LEU B 272 -4.41 -7.27 -28.14
C LEU B 272 -4.38 -8.51 -29.02
N VAL B 273 -3.30 -9.26 -28.96
CA VAL B 273 -3.10 -10.39 -29.86
C VAL B 273 -3.41 -11.75 -29.24
N ASP B 274 -4.39 -12.44 -29.83
CA ASP B 274 -4.70 -13.81 -29.46
C ASP B 274 -5.36 -13.91 -28.08
N TYR B 275 -6.40 -13.10 -27.87
CA TYR B 275 -7.20 -13.16 -26.66
C TYR B 275 -8.43 -14.00 -26.88
N CYS B 276 -8.47 -15.16 -26.24
CA CYS B 276 -9.56 -16.09 -26.39
C CYS B 276 -10.13 -16.51 -25.05
N PRO B 277 -10.95 -15.64 -24.45
CA PRO B 277 -11.54 -15.98 -23.15
C PRO B 277 -12.67 -16.99 -23.28
N HIS B 278 -13.11 -17.58 -22.16
CA HIS B 278 -14.38 -18.32 -22.14
C HIS B 278 -15.49 -17.28 -22.29
N PRO B 279 -16.75 -17.70 -22.51
CA PRO B 279 -17.81 -16.70 -22.66
C PRO B 279 -18.01 -15.77 -21.43
N THR B 280 -18.50 -14.55 -21.67
CA THR B 280 -18.81 -13.62 -20.58
C THR B 280 -19.80 -14.19 -19.58
N ILE B 281 -19.57 -13.92 -18.31
CA ILE B 281 -20.53 -14.29 -17.28
C ILE B 281 -21.04 -13.02 -16.64
N ARG B 282 -22.36 -12.85 -16.62
CA ARG B 282 -22.99 -11.64 -16.08
C ARG B 282 -23.13 -11.75 -14.57
N MET B 283 -22.78 -10.67 -13.87
CA MET B 283 -22.80 -10.63 -12.42
C MET B 283 -23.35 -9.30 -11.91
N1 D16 C . 18.62 3.07 7.83
C2 D16 C . 18.98 1.90 7.31
CM2 D16 C . 20.00 1.87 6.21
N3 D16 C . 18.48 0.75 7.75
C4 D16 C . 17.59 0.71 8.73
O4 D16 C . 17.15 -0.36 9.08
C4A D16 C . 17.14 1.96 9.32
C5 D16 C . 16.21 2.05 10.33
C6 D16 C . 15.88 3.30 10.83
C7 D16 C . 16.45 4.44 10.32
C8 D16 C . 17.37 4.39 9.30
C8A D16 C . 17.73 3.17 8.79
C9 D16 C . 14.90 3.47 11.93
N10 D16 C . 14.53 2.24 12.56
C11 D16 C . 17.02 0.54 14.88
S13 D16 C . 16.92 1.95 13.90
C14 D16 C . 15.35 1.52 13.41
C15 D16 C . 14.93 0.35 13.99
C16 D16 C . 15.88 -0.21 14.80
C D16 C . 18.26 0.33 15.64
O D16 C . 19.23 0.97 15.34
N D16 C . 18.27 -0.52 16.65
CA D16 C . 19.45 -0.72 17.44
CB D16 C . 19.24 -0.34 18.91
CG D16 C . 20.44 0.41 19.46
CD D16 C . 20.60 0.22 20.95
OE1 D16 C . 20.18 -0.83 21.46
OE2 D16 C . 21.15 1.11 21.63
CT D16 C . 19.87 -2.14 17.34
O1 D16 C . 19.02 -2.99 17.06
O2 D16 C . 21.08 -2.44 17.49
CP1 D16 C . 13.19 1.83 12.28
N1 UMP D . 14.36 1.47 6.73
C2 UMP D . 13.65 0.40 7.22
N3 UMP D . 12.71 0.58 8.12
C4 UMP D . 12.44 1.77 8.60
C5 UMP D . 13.12 2.86 8.15
C6 UMP D . 14.09 2.67 7.22
O2 UMP D . 13.86 -0.74 6.84
O4 UMP D . 11.56 1.93 9.44
C1' UMP D . 15.45 1.28 5.77
C2' UMP D . 15.04 0.89 4.37
C3' UMP D . 16.21 1.41 3.58
C4' UMP D . 16.52 2.69 4.26
O3' UMP D . 17.31 0.54 3.75
O4' UMP D . 16.26 2.43 5.61
C5' UMP D . 15.64 3.79 3.76
O5' UMP D . 16.15 4.26 2.55
P UMP D . 15.24 4.58 1.33
OP1 UMP D . 14.50 5.76 1.73
OP2 UMP D . 14.43 3.42 1.11
OP3 UMP D . 16.17 4.84 0.26
N1 D16 E . -18.63 -2.19 -7.59
C2 D16 E . -18.55 -3.47 -7.26
CM2 D16 E . -19.46 -4.01 -6.20
N3 D16 E . -17.68 -4.33 -7.81
C4 D16 E . -16.84 -3.94 -8.74
O4 D16 E . -16.06 -4.74 -9.22
C4A D16 E . -16.87 -2.54 -9.16
C5 D16 E . -16.05 -2.02 -10.12
C6 D16 E . -16.17 -0.68 -10.47
C7 D16 E . -17.08 0.14 -9.84
C8 D16 E . -17.92 -0.36 -8.88
C8A D16 E . -17.85 -1.68 -8.52
C9 D16 E . -15.28 -0.10 -11.53
N10 D16 E . -14.67 -1.08 -12.40
C11 D16 E . -16.88 -2.93 -14.90
S13 D16 E . -17.04 -1.81 -13.59
C14 D16 E . -15.35 -1.81 -13.35
C15 D16 E . -14.71 -2.62 -14.22
C16 D16 E . -15.57 -3.24 -15.09
C D16 E . -18.12 -3.38 -15.62
O D16 E . -19.16 -2.80 -15.42
N D16 E . -18.05 -4.41 -16.46
CA D16 E . -19.24 -4.91 -17.13
CB D16 E . -19.08 -4.84 -18.63
CG D16 E . -19.97 -3.79 -19.27
CD D16 E . -20.39 -4.22 -20.65
OE1 D16 E . -19.79 -3.76 -21.65
OE2 D16 E . -21.33 -5.03 -20.77
CT D16 E . -19.62 -6.32 -16.76
O1 D16 E . -19.03 -7.25 -17.31
O2 D16 E . -20.53 -6.52 -15.93
CP1 D16 E . -13.25 -1.21 -12.23
N1 UMP F . -14.13 -2.42 -6.61
C2 UMP F . -13.09 -3.14 -7.17
N3 UMP F . -12.25 -2.54 -7.99
C4 UMP F . -12.37 -1.27 -8.30
C5 UMP F . -13.39 -0.54 -7.75
C6 UMP F . -14.27 -1.14 -6.91
O2 UMP F . -12.93 -4.32 -6.93
O4 UMP F . -11.59 -0.73 -9.06
C1' UMP F . -15.09 -3.09 -5.73
C2' UMP F . -14.52 -3.52 -4.41
C3' UMP F . -15.70 -3.42 -3.51
C4' UMP F . -16.51 -2.30 -4.08
O3' UMP F . -16.43 -4.62 -3.65
O4' UMP F . -16.23 -2.30 -5.44
C5' UMP F . -16.08 -0.99 -3.47
O5' UMP F . -16.65 -0.86 -2.18
P UMP F . -15.86 -0.40 -0.92
OP1 UMP F . -14.87 -1.44 -0.72
OP2 UMP F . -16.87 -0.33 0.10
OP3 UMP F . -15.36 0.90 -1.29
#